data_8SLD
#
_entry.id   8SLD
#
_cell.length_a   190.848
_cell.length_b   190.848
_cell.length_c   190.848
_cell.angle_alpha   90.00
_cell.angle_beta   90.00
_cell.angle_gamma   90.00
#
_symmetry.space_group_name_H-M   'I 41 3 2'
#
loop_
_entity.id
_entity.type
_entity.pdbx_description
1 polymer 'Glycine--tRNA ligase'
2 non-polymer 'MAGNESIUM ION'
#
_entity_poly.entity_id   1
_entity_poly.type   'polypeptide(L)'
_entity_poly.pdbx_seq_one_letter_code
;MAHHHHHHMGTLEAQTQGPGSMASIIDTVANLAKRRGFVYQSGEIYGGTRSAWDYGPLGVELKENIKRQWWKSMVTARED
VVGIDTSIILPREVWVASGHVDVFHDPLVECLNCHRRHRQDHLQEALAGKKGLDNPDDVPMDEVVCPDCGTKGRWTEPRE
FNMMLKTYLGPIESDEGLHYLRPETAQGIFTNFANVVTTARKKPPFGIAQTGKSFRNEITPGNFIFRTREFEQMEMEFFV
EPSTAKEWHQYWIDTRLQWYVDLGIDRDNLRLYEHPPEKLSHYAERTVDIEYKYGFAGDPWGELEGIANRTDFDLSTHSK
HSGVDLSYYDQATDTRYVPYVIEPAAGLTRSLMAFLIDAYSEDEAPNAKGGVDKRTVLRFDPRLAPVKVAVLPLSRHADL
SPKARDLAAELRQHWNVEFDDAGAIGRRYRRQDEVGTPYCVTVDFDSLEDNAVTVRERDSMAQERISIDQVTDYLAVRLK
GC
;
_entity_poly.pdbx_strand_id   A
#
# COMPACT_ATOMS: atom_id res chain seq x y z
N ALA A 23 -1.59 -18.26 -21.71
CA ALA A 23 -2.21 -17.76 -20.50
C ALA A 23 -2.06 -16.24 -20.41
N SER A 24 -3.06 -15.59 -19.83
CA SER A 24 -3.03 -14.14 -19.68
C SER A 24 -2.05 -13.74 -18.59
N ILE A 25 -1.77 -12.44 -18.52
CA ILE A 25 -0.89 -11.92 -17.47
C ILE A 25 -1.47 -12.23 -16.10
N ILE A 26 -2.79 -12.09 -15.95
CA ILE A 26 -3.41 -12.36 -14.66
C ILE A 26 -3.21 -13.81 -14.26
N ASP A 27 -3.39 -14.75 -15.19
CA ASP A 27 -3.20 -16.16 -14.86
C ASP A 27 -1.75 -16.43 -14.47
N THR A 28 -0.80 -15.82 -15.17
CA THR A 28 0.60 -15.99 -14.82
C THR A 28 0.88 -15.50 -13.40
N VAL A 29 0.42 -14.29 -13.10
CA VAL A 29 0.67 -13.71 -11.79
C VAL A 29 -0.03 -14.52 -10.71
N ALA A 30 -1.23 -15.01 -10.96
CA ALA A 30 -1.94 -15.82 -9.98
C ALA A 30 -1.22 -17.14 -9.72
N ASN A 31 -0.72 -17.78 -10.79
CA ASN A 31 0.06 -18.99 -10.61
C ASN A 31 1.28 -18.72 -9.74
N LEU A 32 1.98 -17.62 -10.03
CA LEU A 32 3.15 -17.27 -9.22
C LEU A 32 2.76 -17.03 -7.77
N ALA A 33 1.66 -16.31 -7.56
CA ALA A 33 1.23 -15.96 -6.20
C ALA A 33 0.89 -17.22 -5.41
N LYS A 34 0.17 -18.15 -6.03
CA LYS A 34 -0.13 -19.41 -5.34
C LYS A 34 1.15 -20.19 -5.08
N ARG A 35 2.06 -20.21 -6.05
CA ARG A 35 3.26 -21.03 -5.91
C ARG A 35 4.14 -20.53 -4.78
N ARG A 36 4.29 -19.22 -4.63
CA ARG A 36 5.22 -18.64 -3.67
C ARG A 36 4.55 -18.21 -2.37
N GLY A 37 3.27 -18.52 -2.20
CA GLY A 37 2.63 -18.24 -0.93
C GLY A 37 2.11 -16.83 -0.77
N PHE A 38 1.98 -16.06 -1.84
CA PHE A 38 1.25 -14.80 -1.76
C PHE A 38 -0.20 -15.05 -1.40
N VAL A 39 -0.82 -16.05 -2.02
CA VAL A 39 -2.20 -16.42 -1.76
C VAL A 39 -2.30 -17.94 -1.78
N TYR A 40 -3.28 -18.46 -1.05
CA TYR A 40 -3.57 -19.90 -1.01
C TYR A 40 -5.01 -20.12 -1.46
N GLN A 41 -5.20 -21.09 -2.34
CA GLN A 41 -6.54 -21.40 -2.85
C GLN A 41 -7.44 -21.87 -1.72
N SER A 42 -8.51 -21.13 -1.46
CA SER A 42 -9.48 -21.50 -0.44
C SER A 42 -10.88 -21.08 -0.85
N TRP A 53 -10.09 -17.47 -1.16
CA TRP A 53 -8.67 -17.14 -1.24
C TRP A 53 -8.17 -16.54 0.07
N ASP A 54 -7.03 -17.06 0.54
CA ASP A 54 -6.39 -16.60 1.76
C ASP A 54 -4.96 -16.17 1.46
N TYR A 55 -4.49 -15.18 2.21
CA TYR A 55 -3.14 -14.67 2.04
C TYR A 55 -2.13 -15.55 2.76
N GLY A 56 -1.07 -15.95 2.04
CA GLY A 56 -0.01 -16.72 2.62
C GLY A 56 1.06 -15.82 3.21
N PRO A 57 2.20 -16.41 3.59
CA PRO A 57 3.22 -15.64 4.31
C PRO A 57 3.65 -14.35 3.62
N LEU A 58 3.83 -14.37 2.30
CA LEU A 58 4.21 -13.15 1.59
C LEU A 58 3.03 -12.21 1.39
N GLY A 59 1.83 -12.77 1.20
CA GLY A 59 0.66 -11.93 0.98
C GLY A 59 0.37 -11.04 2.16
N VAL A 60 0.49 -11.58 3.38
CA VAL A 60 0.22 -10.77 4.57
C VAL A 60 1.21 -9.62 4.66
N GLU A 61 2.49 -9.88 4.40
CA GLU A 61 3.48 -8.82 4.47
C GLU A 61 3.20 -7.74 3.43
N LEU A 62 2.88 -8.14 2.19
CA LEU A 62 2.56 -7.16 1.16
C LEU A 62 1.33 -6.34 1.55
N LYS A 63 0.30 -7.01 2.06
CA LYS A 63 -0.93 -6.34 2.45
C LYS A 63 -0.68 -5.32 3.56
N GLU A 64 0.08 -5.72 4.58
CA GLU A 64 0.34 -4.82 5.70
C GLU A 64 1.26 -3.67 5.27
N ASN A 65 2.20 -3.92 4.36
CA ASN A 65 3.01 -2.83 3.84
C ASN A 65 2.14 -1.82 3.09
N ILE A 66 1.21 -2.31 2.27
CA ILE A 66 0.29 -1.42 1.57
C ILE A 66 -0.51 -0.59 2.57
N LYS A 67 -1.04 -1.25 3.60
CA LYS A 67 -1.84 -0.53 4.60
C LYS A 67 -0.99 0.50 5.34
N ARG A 68 0.25 0.13 5.69
CA ARG A 68 1.13 1.06 6.40
C ARG A 68 1.42 2.29 5.55
N GLN A 69 1.69 2.09 4.26
CA GLN A 69 1.95 3.23 3.39
C GLN A 69 0.72 4.11 3.25
N TRP A 70 -0.46 3.50 3.10
CA TRP A 70 -1.68 4.29 3.02
C TRP A 70 -1.88 5.12 4.28
N TRP A 71 -1.76 4.49 5.44
CA TRP A 71 -1.95 5.21 6.70
C TRP A 71 -0.90 6.29 6.88
N LYS A 72 0.35 5.99 6.49
CA LYS A 72 1.44 6.95 6.66
C LYS A 72 1.20 8.20 5.83
N SER A 73 0.84 8.02 4.56
CA SER A 73 0.67 9.17 3.68
C SER A 73 -0.69 9.84 3.83
N MET A 74 -1.65 9.20 4.50
CA MET A 74 -2.97 9.77 4.67
C MET A 74 -3.22 10.33 6.07
N VAL A 75 -2.68 9.70 7.11
CA VAL A 75 -3.02 10.03 8.49
C VAL A 75 -1.84 10.69 9.21
N THR A 76 -0.74 9.96 9.37
CA THR A 76 0.36 10.46 10.19
C THR A 76 1.15 11.55 9.47
N ALA A 77 1.18 11.54 8.13
CA ALA A 77 1.89 12.55 7.38
C ALA A 77 1.09 13.83 7.15
N ARG A 78 -0.17 13.84 7.55
CA ARG A 78 -1.05 15.00 7.36
C ARG A 78 -1.58 15.43 8.71
N GLU A 79 -1.34 16.69 9.08
CA GLU A 79 -1.84 17.21 10.33
C GLU A 79 -3.36 17.35 10.33
N ASP A 80 -3.99 17.48 9.16
CA ASP A 80 -5.41 17.70 9.05
C ASP A 80 -6.20 16.40 8.94
N VAL A 81 -5.55 15.24 9.10
CA VAL A 81 -6.21 13.95 9.02
C VAL A 81 -5.86 13.14 10.25
N VAL A 82 -6.88 12.57 10.89
CA VAL A 82 -6.70 11.69 12.05
C VAL A 82 -7.48 10.41 11.78
N GLY A 83 -7.13 9.36 12.53
CA GLY A 83 -7.67 8.03 12.31
C GLY A 83 -8.77 7.67 13.29
N ILE A 84 -9.46 6.57 12.96
CA ILE A 84 -10.51 6.03 13.81
C ILE A 84 -10.74 4.59 13.39
N ASP A 85 -11.18 3.77 14.34
CA ASP A 85 -11.48 2.36 14.09
C ASP A 85 -12.82 2.03 14.75
N THR A 86 -13.79 1.65 13.94
CA THR A 86 -15.14 1.39 14.42
C THR A 86 -15.50 -0.09 14.24
N SER A 87 -16.44 -0.55 15.05
CA SER A 87 -16.89 -1.93 15.01
C SER A 87 -18.07 -2.08 14.05
N ILE A 88 -18.09 -3.19 13.33
CA ILE A 88 -19.06 -3.40 12.26
C ILE A 88 -19.88 -4.67 12.54
N ILE A 89 -20.19 -4.92 13.81
CA ILE A 89 -20.98 -6.08 14.19
C ILE A 89 -22.17 -6.22 13.26
N LEU A 90 -22.31 -7.38 12.63
CA LEU A 90 -23.40 -7.64 11.70
C LEU A 90 -24.22 -8.85 12.16
N THR A 185 -20.04 0.92 6.61
CA THR A 185 -18.83 1.05 7.42
C THR A 185 -18.44 2.51 7.59
N ALA A 186 -18.54 3.26 6.50
CA ALA A 186 -18.24 4.70 6.57
C ALA A 186 -19.15 5.39 7.57
N GLN A 187 -20.33 4.83 7.82
CA GLN A 187 -21.26 5.44 8.79
C GLN A 187 -20.58 5.61 10.15
N GLY A 188 -19.81 4.61 10.57
CA GLY A 188 -19.14 4.71 11.85
C GLY A 188 -18.29 5.96 11.98
N ILE A 189 -17.77 6.47 10.85
CA ILE A 189 -17.03 7.72 10.88
C ILE A 189 -17.98 8.88 11.16
N PHE A 190 -19.04 8.99 10.36
CA PHE A 190 -19.96 10.12 10.49
C PHE A 190 -20.49 10.24 11.91
N THR A 191 -20.94 9.12 12.48
CA THR A 191 -21.49 9.15 13.83
C THR A 191 -20.49 9.73 14.82
N ASN A 192 -19.22 9.42 14.67
CA ASN A 192 -18.19 9.89 15.60
C ASN A 192 -17.65 11.26 15.24
N PHE A 193 -18.09 11.84 14.12
CA PHE A 193 -17.62 13.16 13.72
C PHE A 193 -17.53 14.11 14.90
N ALA A 194 -18.67 14.34 15.56
CA ALA A 194 -18.70 15.23 16.71
C ALA A 194 -17.57 14.93 17.68
N ASN A 195 -17.49 13.68 18.14
CA ASN A 195 -16.46 13.31 19.11
C ASN A 195 -15.08 13.69 18.59
N VAL A 196 -14.80 13.37 17.33
CA VAL A 196 -13.48 13.65 16.78
C VAL A 196 -13.21 15.15 16.82
N VAL A 197 -14.22 15.96 16.49
CA VAL A 197 -14.03 17.41 16.50
C VAL A 197 -13.67 17.88 17.90
N THR A 198 -14.13 17.18 18.94
CA THR A 198 -13.90 17.63 20.30
C THR A 198 -12.54 17.18 20.81
N THR A 199 -12.27 15.87 20.81
CA THR A 199 -11.03 15.38 21.38
C THR A 199 -9.84 15.72 20.48
N ALA A 200 -9.98 15.53 19.16
CA ALA A 200 -8.91 15.84 18.24
C ALA A 200 -8.73 17.34 18.04
N ARG A 201 -9.74 18.14 18.34
CA ARG A 201 -9.67 19.59 18.18
C ARG A 201 -9.32 19.95 16.74
N LYS A 202 -10.16 19.48 15.82
CA LYS A 202 -10.00 19.72 14.40
C LYS A 202 -11.18 20.52 13.87
N LYS A 203 -10.90 21.34 12.85
CA LYS A 203 -11.91 22.12 12.17
C LYS A 203 -11.80 21.89 10.67
N PRO A 204 -12.90 21.99 9.94
CA PRO A 204 -12.81 21.85 8.48
C PRO A 204 -11.93 22.91 7.88
N PRO A 205 -11.16 22.59 6.83
CA PRO A 205 -11.07 21.29 6.16
C PRO A 205 -10.25 20.29 6.97
N PHE A 206 -10.78 19.09 7.21
CA PHE A 206 -10.03 18.06 7.92
C PHE A 206 -10.66 16.71 7.62
N GLY A 207 -9.87 15.65 7.80
CA GLY A 207 -10.28 14.32 7.38
C GLY A 207 -10.23 13.32 8.53
N ILE A 208 -11.07 12.30 8.41
CA ILE A 208 -11.09 11.16 9.33
C ILE A 208 -10.90 9.89 8.49
N ALA A 209 -9.86 9.13 8.79
CA ALA A 209 -9.52 7.94 8.03
C ALA A 209 -9.87 6.69 8.82
N GLN A 210 -9.98 5.57 8.11
CA GLN A 210 -10.38 4.32 8.73
C GLN A 210 -10.02 3.16 7.81
N THR A 211 -9.84 1.99 8.43
CA THR A 211 -9.66 0.73 7.73
C THR A 211 -10.91 -0.10 8.01
N GLY A 212 -11.92 0.05 7.16
CA GLY A 212 -13.23 -0.55 7.40
C GLY A 212 -13.34 -1.92 6.76
N LYS A 213 -13.82 -2.89 7.54
CA LYS A 213 -14.05 -4.24 7.03
C LYS A 213 -15.38 -4.23 6.27
N SER A 214 -15.33 -3.78 5.03
CA SER A 214 -16.53 -3.68 4.20
C SER A 214 -17.03 -5.06 3.82
N GLU A 230 -16.50 -9.70 3.44
CA GLU A 230 -15.52 -9.47 4.50
C GLU A 230 -14.19 -9.02 3.92
N PHE A 231 -14.23 -8.00 3.05
CA PHE A 231 -13.03 -7.46 2.42
C PHE A 231 -12.71 -6.11 3.04
N GLU A 232 -11.43 -5.87 3.31
CA GLU A 232 -11.02 -4.62 3.92
C GLU A 232 -10.99 -3.50 2.89
N GLN A 233 -11.19 -2.27 3.38
CA GLN A 233 -11.23 -1.10 2.51
C GLN A 233 -10.66 0.08 3.28
N MET A 234 -9.64 0.71 2.73
CA MET A 234 -9.03 1.90 3.32
C MET A 234 -9.85 3.11 2.85
N GLU A 235 -10.56 3.74 3.77
CA GLU A 235 -11.49 4.81 3.42
C GLU A 235 -11.18 6.05 4.24
N MET A 236 -11.60 7.19 3.72
CA MET A 236 -11.40 8.46 4.42
C MET A 236 -12.56 9.38 4.08
N GLU A 237 -12.99 10.16 5.07
CA GLU A 237 -14.04 11.16 4.91
C GLU A 237 -13.42 12.52 5.20
N PHE A 238 -13.34 13.36 4.18
CA PHE A 238 -12.73 14.69 4.29
C PHE A 238 -13.85 15.71 4.35
N PHE A 239 -14.05 16.32 5.52
CA PHE A 239 -15.07 17.33 5.73
C PHE A 239 -14.51 18.70 5.41
N VAL A 240 -15.22 19.44 4.56
CA VAL A 240 -14.78 20.72 4.05
C VAL A 240 -15.98 21.65 3.96
N GLU A 241 -15.70 22.95 3.92
CA GLU A 241 -16.76 23.91 3.64
C GLU A 241 -17.30 23.66 2.23
N PRO A 242 -18.62 23.68 2.05
CA PRO A 242 -19.16 23.35 0.72
C PRO A 242 -18.60 24.20 -0.40
N SER A 243 -18.29 25.48 -0.13
CA SER A 243 -17.75 26.35 -1.16
C SER A 243 -16.53 25.74 -1.83
N THR A 244 -15.62 25.17 -1.04
CA THR A 244 -14.40 24.57 -1.57
C THR A 244 -14.59 23.13 -2.02
N ALA A 245 -15.80 22.57 -1.87
CA ALA A 245 -16.00 21.14 -2.04
C ALA A 245 -15.40 20.64 -3.35
N LYS A 246 -15.66 21.35 -4.44
CA LYS A 246 -15.17 20.90 -5.74
C LYS A 246 -13.64 20.94 -5.80
N GLU A 247 -13.04 22.06 -5.39
CA GLU A 247 -11.58 22.16 -5.42
C GLU A 247 -10.96 20.99 -4.66
N TRP A 248 -11.34 20.85 -3.39
CA TRP A 248 -10.82 19.75 -2.59
C TRP A 248 -11.00 18.42 -3.32
N HIS A 249 -12.17 18.23 -3.95
CA HIS A 249 -12.42 16.98 -4.64
C HIS A 249 -11.29 16.70 -5.63
N GLN A 250 -11.01 17.66 -6.50
CA GLN A 250 -9.95 17.47 -7.49
C GLN A 250 -8.65 17.14 -6.79
N TYR A 251 -8.34 17.85 -5.70
CA TYR A 251 -7.11 17.59 -4.97
C TYR A 251 -7.01 16.10 -4.63
N TRP A 252 -8.04 15.54 -4.01
CA TRP A 252 -7.96 14.15 -3.62
C TRP A 252 -8.00 13.21 -4.81
N ILE A 253 -8.57 13.65 -5.93
CA ILE A 253 -8.47 12.85 -7.14
C ILE A 253 -7.03 12.79 -7.61
N ASP A 254 -6.30 13.90 -7.49
CA ASP A 254 -4.92 13.93 -7.95
C ASP A 254 -4.00 13.24 -6.95
N THR A 255 -4.00 13.73 -5.70
CA THR A 255 -3.13 13.19 -4.67
C THR A 255 -3.18 11.67 -4.65
N ARG A 256 -4.38 11.10 -4.48
CA ARG A 256 -4.52 9.65 -4.42
C ARG A 256 -3.85 9.00 -5.61
N LEU A 257 -4.13 9.50 -6.82
CA LEU A 257 -3.51 8.92 -8.00
C LEU A 257 -1.99 8.93 -7.84
N GLN A 258 -1.43 10.09 -7.52
CA GLN A 258 0.01 10.19 -7.36
C GLN A 258 0.52 9.18 -6.34
N TRP A 259 -0.27 8.94 -5.29
CA TRP A 259 0.13 7.96 -4.28
C TRP A 259 0.50 6.65 -4.94
N TYR A 260 -0.41 6.10 -5.75
CA TYR A 260 -0.10 4.84 -6.44
C TYR A 260 1.16 4.98 -7.27
N VAL A 261 1.27 6.06 -8.03
CA VAL A 261 2.43 6.26 -8.88
C VAL A 261 3.70 6.33 -8.04
N ASP A 262 3.61 6.95 -6.86
CA ASP A 262 4.80 7.07 -6.02
C ASP A 262 5.24 5.72 -5.45
N LEU A 263 4.40 4.70 -5.51
CA LEU A 263 4.74 3.38 -5.02
C LEU A 263 5.10 2.41 -6.13
N GLY A 264 5.33 2.91 -7.34
CA GLY A 264 5.89 2.11 -8.42
C GLY A 264 4.92 1.64 -9.47
N ILE A 265 3.66 2.10 -9.45
CA ILE A 265 2.70 1.70 -10.46
C ILE A 265 2.87 2.58 -11.70
N ASP A 266 2.95 1.94 -12.86
CA ASP A 266 3.04 2.67 -14.12
C ASP A 266 1.79 3.52 -14.31
N ARG A 267 1.99 4.84 -14.44
CA ARG A 267 0.85 5.73 -14.63
C ARG A 267 0.06 5.37 -15.88
N ASP A 268 0.71 4.78 -16.88
CA ASP A 268 0.00 4.34 -18.07
C ASP A 268 -1.03 3.25 -17.77
N ASN A 269 -0.88 2.53 -16.66
CA ASN A 269 -1.82 1.50 -16.27
C ASN A 269 -2.89 2.02 -15.31
N LEU A 270 -2.91 3.32 -15.05
CA LEU A 270 -3.94 3.95 -14.25
C LEU A 270 -4.71 4.95 -15.10
N ARG A 271 -6.00 5.12 -14.80
CA ARG A 271 -6.80 6.11 -15.48
C ARG A 271 -7.93 6.56 -14.56
N LEU A 272 -8.59 7.63 -14.97
CA LEU A 272 -9.74 8.17 -14.24
C LEU A 272 -11.01 7.89 -15.04
N TYR A 273 -12.07 7.52 -14.32
CA TYR A 273 -13.37 7.25 -14.93
C TYR A 273 -14.42 7.98 -14.10
N GLU A 274 -15.00 9.05 -14.66
CA GLU A 274 -16.01 9.81 -13.95
C GLU A 274 -17.38 9.21 -14.21
N HIS A 275 -18.16 9.05 -13.16
CA HIS A 275 -19.49 8.49 -13.28
C HIS A 275 -20.45 9.51 -13.88
N PRO A 276 -21.23 9.15 -14.89
CA PRO A 276 -22.24 10.07 -15.41
C PRO A 276 -23.37 10.22 -14.41
N PRO A 277 -24.30 11.16 -14.65
CA PRO A 277 -25.47 11.25 -13.76
C PRO A 277 -26.26 9.96 -13.69
N GLU A 278 -26.19 9.12 -14.72
CA GLU A 278 -26.81 7.80 -14.65
C GLU A 278 -26.24 6.97 -13.50
N LYS A 279 -24.90 6.97 -13.36
CA LYS A 279 -24.26 6.22 -12.30
C LYS A 279 -24.30 6.97 -10.97
N LEU A 280 -24.17 8.30 -11.01
CA LEU A 280 -24.03 9.09 -9.79
C LEU A 280 -25.11 8.73 -8.77
N SER A 281 -24.67 8.25 -7.61
CA SER A 281 -25.59 7.89 -6.55
C SER A 281 -26.48 9.06 -6.18
N HIS A 282 -27.58 8.76 -5.49
CA HIS A 282 -28.53 9.80 -5.12
C HIS A 282 -27.85 10.89 -4.28
N TYR A 283 -26.89 10.52 -3.45
CA TYR A 283 -26.20 11.47 -2.58
C TYR A 283 -24.95 12.07 -3.21
N ALA A 284 -24.37 11.42 -4.22
CA ALA A 284 -23.09 11.84 -4.78
C ALA A 284 -23.33 12.81 -5.93
N GLU A 285 -22.89 14.06 -5.76
CA GLU A 285 -22.95 15.02 -6.85
C GLU A 285 -21.96 14.65 -7.96
N ARG A 286 -20.78 14.18 -7.59
CA ARG A 286 -19.75 13.78 -8.54
C ARG A 286 -19.02 12.57 -7.99
N THR A 287 -18.67 11.64 -8.88
CA THR A 287 -17.98 10.42 -8.49
C THR A 287 -16.93 10.09 -9.53
N VAL A 288 -15.69 9.88 -9.08
CA VAL A 288 -14.57 9.56 -9.96
C VAL A 288 -13.88 8.32 -9.41
N ASP A 289 -13.76 7.29 -10.25
CA ASP A 289 -13.07 6.06 -9.90
C ASP A 289 -11.70 6.04 -10.56
N ILE A 290 -10.67 5.85 -9.75
CA ILE A 290 -9.38 5.44 -10.31
C ILE A 290 -9.50 3.99 -10.75
N GLU A 291 -9.09 3.71 -11.98
CA GLU A 291 -9.19 2.37 -12.54
C GLU A 291 -7.81 1.90 -12.97
N TYR A 292 -7.54 0.63 -12.69
CA TYR A 292 -6.27 0.01 -13.05
C TYR A 292 -6.48 -1.03 -14.13
N LYS A 293 -5.48 -1.16 -15.01
CA LYS A 293 -5.53 -2.07 -16.14
C LYS A 293 -5.09 -3.46 -15.67
N TYR A 294 -6.05 -4.19 -15.10
CA TYR A 294 -5.75 -5.51 -14.55
C TYR A 294 -5.43 -6.51 -15.66
N GLY A 295 -6.20 -6.49 -16.74
CA GLY A 295 -6.00 -7.44 -17.82
C GLY A 295 -7.09 -8.48 -17.92
N PHE A 296 -8.31 -8.09 -17.58
CA PHE A 296 -9.44 -9.00 -17.65
C PHE A 296 -9.79 -9.31 -19.10
N ALA A 297 -10.80 -10.15 -19.29
CA ALA A 297 -11.40 -10.35 -20.60
C ALA A 297 -12.41 -9.25 -20.88
N GLY A 298 -12.61 -8.97 -22.17
CA GLY A 298 -13.49 -7.87 -22.54
C GLY A 298 -12.90 -6.55 -22.07
N ASP A 299 -13.50 -5.96 -21.04
CA ASP A 299 -12.94 -4.74 -20.46
C ASP A 299 -11.77 -5.10 -19.57
N PRO A 300 -10.54 -4.68 -19.88
CA PRO A 300 -9.39 -5.04 -19.05
C PRO A 300 -9.19 -4.15 -17.83
N TRP A 301 -9.98 -3.09 -17.69
CA TRP A 301 -9.83 -2.18 -16.56
C TRP A 301 -10.77 -2.58 -15.42
N GLY A 302 -10.40 -2.17 -14.22
CA GLY A 302 -11.22 -2.44 -13.05
C GLY A 302 -11.07 -1.34 -12.03
N GLU A 303 -12.12 -1.12 -11.25
CA GLU A 303 -12.07 -0.12 -10.20
C GLU A 303 -10.98 -0.47 -9.20
N LEU A 304 -10.22 0.56 -8.79
CA LEU A 304 -9.18 0.44 -7.78
C LEU A 304 -9.44 1.31 -6.58
N GLU A 305 -10.08 2.46 -6.77
CA GLU A 305 -10.38 3.40 -5.70
C GLU A 305 -11.38 4.41 -6.23
N GLY A 306 -12.40 4.70 -5.42
CA GLY A 306 -13.43 5.67 -5.78
C GLY A 306 -13.33 6.91 -4.91
N ILE A 307 -13.33 8.06 -5.56
CA ILE A 307 -13.33 9.36 -4.88
C ILE A 307 -14.63 10.04 -5.23
N ALA A 308 -15.49 10.24 -4.23
CA ALA A 308 -16.83 10.75 -4.43
C ALA A 308 -17.05 12.04 -3.66
N ASN A 309 -17.93 12.89 -4.19
CA ASN A 309 -18.37 14.11 -3.52
C ASN A 309 -19.80 13.87 -3.06
N ARG A 310 -19.94 13.39 -1.83
CA ARG A 310 -21.26 13.05 -1.27
C ARG A 310 -22.02 14.26 -0.76
N THR A 311 -21.47 15.45 -0.89
CA THR A 311 -22.15 16.68 -0.44
C THR A 311 -22.43 16.55 1.06
N ASP A 312 -23.51 17.16 1.53
CA ASP A 312 -23.86 17.20 2.95
C ASP A 312 -24.91 16.16 3.31
N PHE A 313 -25.15 15.17 2.44
CA PHE A 313 -26.19 14.18 2.69
C PHE A 313 -25.89 13.39 3.96
N ASP A 314 -24.65 12.96 4.15
CA ASP A 314 -24.34 12.06 5.25
C ASP A 314 -24.56 12.72 6.61
N LEU A 315 -23.94 13.87 6.83
CA LEU A 315 -24.04 14.53 8.13
C LEU A 315 -25.46 15.02 8.38
N SER A 316 -26.14 15.51 7.33
CA SER A 316 -27.52 15.94 7.50
C SER A 316 -28.42 14.77 7.90
N THR A 317 -28.25 13.63 7.23
CA THR A 317 -29.03 12.45 7.58
C THR A 317 -28.76 12.02 9.02
N HIS A 318 -27.48 12.01 9.41
CA HIS A 318 -27.15 11.58 10.77
C HIS A 318 -27.68 12.57 11.80
N SER A 319 -27.66 13.86 11.50
CA SER A 319 -28.24 14.84 12.42
C SER A 319 -29.74 14.64 12.58
N LYS A 320 -30.45 14.47 11.46
CA LYS A 320 -31.89 14.26 11.55
C LYS A 320 -32.23 12.99 12.30
N HIS A 321 -31.50 11.90 12.04
CA HIS A 321 -31.83 10.61 12.63
C HIS A 321 -31.38 10.50 14.08
N SER A 322 -30.32 11.19 14.48
CA SER A 322 -29.75 11.06 15.81
C SER A 322 -30.09 12.23 16.74
N GLY A 323 -30.77 13.25 16.23
CA GLY A 323 -31.13 14.39 17.06
C GLY A 323 -29.94 15.12 17.64
N VAL A 324 -28.86 15.23 16.87
CA VAL A 324 -27.66 15.95 17.28
C VAL A 324 -27.22 16.84 16.13
N ASP A 325 -26.91 18.10 16.43
CA ASP A 325 -26.50 19.06 15.42
C ASP A 325 -25.03 18.84 15.08
N LEU A 326 -24.77 18.40 13.86
CA LEU A 326 -23.41 18.20 13.36
C LEU A 326 -23.01 19.31 12.40
N SER A 327 -23.60 20.49 12.56
CA SER A 327 -23.35 21.61 11.68
C SER A 327 -22.16 22.41 12.18
N TYR A 328 -21.36 22.91 11.25
CA TYR A 328 -20.21 23.77 11.54
C TYR A 328 -20.49 25.19 11.09
N TYR A 329 -21.72 25.65 11.34
CA TYR A 329 -22.16 26.98 10.96
C TYR A 329 -21.06 28.01 11.19
N ASP A 330 -20.65 28.68 10.12
CA ASP A 330 -19.49 29.55 10.16
C ASP A 330 -19.82 30.84 10.89
N GLN A 331 -18.86 31.32 11.67
CA GLN A 331 -18.92 32.63 12.31
C GLN A 331 -17.66 33.42 11.99
N ALA A 332 -17.05 33.13 10.84
CA ALA A 332 -15.78 33.74 10.45
C ALA A 332 -15.76 33.84 8.92
N THR A 333 -16.17 35.00 8.41
CA THR A 333 -16.01 35.35 7.00
C THR A 333 -16.81 34.42 6.08
N ASP A 334 -17.90 33.85 6.57
CA ASP A 334 -18.74 33.00 5.71
C ASP A 334 -20.05 32.73 6.44
N THR A 335 -20.85 31.81 5.88
CA THR A 335 -22.21 31.55 6.33
C THR A 335 -22.31 30.16 6.96
N ARG A 336 -23.53 29.80 7.36
CA ARG A 336 -23.78 28.52 8.01
C ARG A 336 -23.82 27.39 6.98
N TYR A 337 -23.29 26.23 7.38
CA TYR A 337 -23.20 25.10 6.46
C TYR A 337 -23.08 23.80 7.24
N VAL A 338 -23.48 22.71 6.59
CA VAL A 338 -23.19 21.35 7.04
C VAL A 338 -22.00 20.85 6.24
N PRO A 339 -20.87 20.52 6.88
CA PRO A 339 -19.67 20.15 6.13
C PRO A 339 -19.95 19.17 5.00
N TYR A 340 -19.46 19.49 3.82
CA TYR A 340 -19.46 18.57 2.69
C TYR A 340 -18.38 17.51 2.87
N VAL A 341 -18.61 16.35 2.27
CA VAL A 341 -17.76 15.17 2.47
C VAL A 341 -17.16 14.76 1.13
N ILE A 342 -15.83 14.69 1.08
CA ILE A 342 -15.11 14.07 -0.03
C ILE A 342 -14.61 12.72 0.47
N GLU A 343 -14.99 11.63 -0.21
CA GLU A 343 -14.73 10.28 0.26
C GLU A 343 -13.80 9.54 -0.69
N PRO A 344 -12.51 9.38 -0.35
CA PRO A 344 -11.68 8.38 -1.05
C PRO A 344 -11.76 7.00 -0.39
N ALA A 345 -12.07 5.97 -1.17
CA ALA A 345 -12.20 4.61 -0.67
C ALA A 345 -11.50 3.66 -1.61
N ALA A 346 -10.50 2.94 -1.10
CA ALA A 346 -9.71 2.01 -1.90
C ALA A 346 -9.85 0.59 -1.34
N GLY A 347 -10.25 -0.33 -2.20
CA GLY A 347 -10.30 -1.73 -1.80
C GLY A 347 -8.91 -2.28 -1.61
N LEU A 348 -8.59 -2.74 -0.40
CA LEU A 348 -7.24 -3.20 -0.11
C LEU A 348 -6.86 -4.37 -1.00
N THR A 349 -7.79 -5.31 -1.21
CA THR A 349 -7.50 -6.43 -2.10
C THR A 349 -7.22 -5.94 -3.51
N ARG A 350 -8.00 -4.97 -4.00
CA ARG A 350 -7.77 -4.44 -5.33
C ARG A 350 -6.41 -3.74 -5.41
N SER A 351 -6.04 -3.01 -4.36
CA SER A 351 -4.74 -2.35 -4.35
C SER A 351 -3.62 -3.37 -4.40
N LEU A 352 -3.72 -4.42 -3.60
CA LEU A 352 -2.67 -5.44 -3.59
C LEU A 352 -2.58 -6.14 -4.94
N MET A 353 -3.72 -6.45 -5.54
CA MET A 353 -3.72 -7.07 -6.87
C MET A 353 -3.06 -6.15 -7.90
N ALA A 354 -3.37 -4.86 -7.84
CA ALA A 354 -2.79 -3.91 -8.78
C ALA A 354 -1.28 -3.84 -8.62
N PHE A 355 -0.80 -3.74 -7.38
CA PHE A 355 0.64 -3.69 -7.15
C PHE A 355 1.31 -4.98 -7.63
N LEU A 356 0.73 -6.12 -7.30
CA LEU A 356 1.32 -7.40 -7.69
C LEU A 356 1.40 -7.52 -9.21
N ILE A 357 0.30 -7.20 -9.90
CA ILE A 357 0.29 -7.32 -11.35
C ILE A 357 1.28 -6.34 -11.98
N ASP A 358 1.30 -5.10 -11.49
CA ASP A 358 2.16 -4.10 -12.11
C ASP A 358 3.63 -4.39 -11.88
N ALA A 359 3.98 -5.02 -10.75
CA ALA A 359 5.38 -5.30 -10.47
C ALA A 359 5.93 -6.44 -11.30
N TYR A 360 5.07 -7.26 -11.91
CA TYR A 360 5.53 -8.42 -12.65
C TYR A 360 6.36 -8.01 -13.86
N SER A 361 7.42 -8.77 -14.12
CA SER A 361 8.29 -8.52 -15.26
C SER A 361 9.02 -9.81 -15.61
N GLU A 362 9.42 -9.91 -16.87
CA GLU A 362 10.18 -11.06 -17.38
C GLU A 362 11.24 -10.51 -18.34
N ASP A 363 12.48 -10.42 -17.85
CA ASP A 363 13.57 -9.81 -18.60
C ASP A 363 14.68 -10.83 -18.81
N GLU A 364 15.24 -10.84 -20.02
CA GLU A 364 16.38 -11.69 -20.33
C GLU A 364 17.57 -11.37 -19.43
N VAL A 372 18.09 -16.02 -24.75
CA VAL A 372 18.96 -15.71 -23.63
C VAL A 372 18.44 -16.44 -22.40
N ASP A 373 18.61 -15.85 -21.21
CA ASP A 373 18.20 -16.46 -19.95
C ASP A 373 17.12 -15.57 -19.32
N LYS A 374 15.88 -16.04 -19.38
CA LYS A 374 14.76 -15.25 -18.88
C LYS A 374 14.76 -15.24 -17.35
N ARG A 375 14.21 -14.16 -16.79
CA ARG A 375 14.22 -13.93 -15.35
C ARG A 375 12.89 -13.31 -14.94
N THR A 376 12.09 -14.06 -14.17
CA THR A 376 10.83 -13.54 -13.65
C THR A 376 11.10 -12.73 -12.38
N VAL A 377 10.56 -11.52 -12.31
CA VAL A 377 10.92 -10.59 -11.26
C VAL A 377 9.71 -9.71 -10.93
N LEU A 378 9.45 -9.54 -9.64
CA LEU A 378 8.46 -8.57 -9.16
C LEU A 378 9.21 -7.30 -8.79
N ARG A 379 9.02 -6.24 -9.58
CA ARG A 379 9.72 -4.97 -9.36
C ARG A 379 8.95 -4.11 -8.37
N PHE A 380 8.86 -4.63 -7.14
CA PHE A 380 8.15 -3.94 -6.07
C PHE A 380 8.92 -2.72 -5.60
N ASP A 381 8.18 -1.70 -5.17
CA ASP A 381 8.79 -0.62 -4.41
C ASP A 381 9.36 -1.18 -3.12
N PRO A 382 10.52 -0.70 -2.66
CA PRO A 382 11.12 -1.28 -1.46
C PRO A 382 10.18 -1.29 -0.25
N ARG A 383 9.32 -0.27 -0.13
CA ARG A 383 8.41 -0.20 1.00
C ARG A 383 7.32 -1.25 0.95
N LEU A 384 7.08 -1.86 -0.21
CA LEU A 384 6.01 -2.84 -0.34
C LEU A 384 6.50 -4.29 -0.43
N ALA A 385 7.79 -4.49 -0.67
CA ALA A 385 8.30 -5.84 -0.88
C ALA A 385 8.04 -6.68 0.37
N PRO A 386 7.52 -7.90 0.23
CA PRO A 386 7.31 -8.73 1.44
C PRO A 386 8.59 -9.02 2.19
N VAL A 387 9.70 -9.23 1.48
CA VAL A 387 11.00 -9.51 2.08
C VAL A 387 11.95 -8.41 1.65
N LYS A 388 12.55 -7.73 2.62
CA LYS A 388 13.43 -6.61 2.30
C LYS A 388 14.85 -7.08 2.00
N VAL A 389 15.34 -8.09 2.72
CA VAL A 389 16.71 -8.56 2.58
C VAL A 389 16.72 -10.08 2.53
N ALA A 390 17.77 -10.62 1.93
CA ALA A 390 17.98 -12.06 1.86
C ALA A 390 19.44 -12.33 2.20
N VAL A 391 19.68 -12.93 3.36
CA VAL A 391 21.02 -13.30 3.80
C VAL A 391 21.30 -14.69 3.23
N LEU A 392 22.23 -14.76 2.27
CA LEU A 392 22.48 -15.98 1.50
C LEU A 392 23.95 -16.35 1.60
N PRO A 393 24.32 -17.18 2.58
CA PRO A 393 25.72 -17.66 2.61
C PRO A 393 26.05 -18.44 1.35
N LEU A 394 27.29 -18.29 0.90
CA LEU A 394 27.69 -18.89 -0.38
C LEU A 394 27.51 -20.40 -0.37
N SER A 395 27.64 -21.04 0.79
CA SER A 395 27.48 -22.48 0.89
C SER A 395 27.12 -22.83 2.32
N ARG A 396 26.75 -24.09 2.53
CA ARG A 396 26.40 -24.59 3.86
C ARG A 396 27.61 -24.84 4.74
N HIS A 397 28.80 -24.40 4.33
CA HIS A 397 30.00 -24.62 5.13
C HIS A 397 29.80 -24.03 6.53
N ALA A 398 30.18 -24.81 7.55
CA ALA A 398 29.92 -24.41 8.93
C ALA A 398 30.67 -23.15 9.33
N ASP A 399 31.53 -22.61 8.46
CA ASP A 399 32.22 -21.37 8.77
C ASP A 399 31.36 -20.16 8.43
N LEU A 400 30.62 -20.23 7.32
CA LEU A 400 29.80 -19.11 6.89
C LEU A 400 28.53 -18.98 7.72
N SER A 401 27.91 -20.10 8.06
CA SER A 401 26.61 -20.06 8.71
C SER A 401 26.61 -19.30 10.03
N PRO A 402 27.56 -19.53 10.94
CA PRO A 402 27.50 -18.84 12.25
C PRO A 402 27.60 -17.32 12.13
N LYS A 403 28.18 -16.80 11.06
CA LYS A 403 28.31 -15.36 10.87
C LYS A 403 27.15 -14.79 10.05
N ALA A 404 26.76 -15.50 8.99
CA ALA A 404 25.61 -15.07 8.21
C ALA A 404 24.35 -15.04 9.06
N ARG A 405 24.22 -15.99 9.99
CA ARG A 405 23.04 -16.00 10.85
C ARG A 405 23.07 -14.85 11.85
N ASP A 406 24.26 -14.48 12.35
CA ASP A 406 24.35 -13.30 13.19
C ASP A 406 23.96 -12.04 12.42
N LEU A 407 24.41 -11.92 11.18
CA LEU A 407 24.00 -10.78 10.36
C LEU A 407 22.50 -10.79 10.11
N ALA A 408 21.93 -11.96 9.84
CA ALA A 408 20.50 -12.05 9.63
C ALA A 408 19.72 -11.67 10.88
N ALA A 409 20.22 -12.06 12.05
CA ALA A 409 19.58 -11.63 13.30
C ALA A 409 19.66 -10.12 13.47
N GLU A 410 20.82 -9.54 13.15
CA GLU A 410 20.93 -8.08 13.21
C GLU A 410 19.90 -7.42 12.30
N LEU A 411 19.74 -7.95 11.08
CA LEU A 411 18.81 -7.35 10.14
C LEU A 411 17.35 -7.58 10.54
N ARG A 412 17.04 -8.73 11.14
CA ARG A 412 15.67 -9.01 11.56
C ARG A 412 15.19 -8.06 12.65
N GLN A 413 16.12 -7.40 13.35
CA GLN A 413 15.72 -6.39 14.33
C GLN A 413 14.91 -5.28 13.67
N HIS A 414 15.13 -5.04 12.38
CA HIS A 414 14.54 -3.92 11.67
C HIS A 414 13.58 -4.34 10.57
N TRP A 415 13.99 -5.23 9.68
CA TRP A 415 13.18 -5.63 8.53
C TRP A 415 12.87 -7.11 8.58
N ASN A 416 11.98 -7.54 7.69
CA ASN A 416 11.67 -8.95 7.53
C ASN A 416 12.71 -9.56 6.61
N VAL A 417 13.49 -10.50 7.13
CA VAL A 417 14.62 -11.08 6.43
C VAL A 417 14.34 -12.55 6.14
N GLU A 418 14.93 -13.05 5.06
CA GLU A 418 14.82 -14.45 4.68
C GLU A 418 16.22 -15.03 4.57
N PHE A 419 16.48 -16.10 5.31
CA PHE A 419 17.76 -16.79 5.31
C PHE A 419 17.63 -18.09 4.52
N ASP A 420 18.57 -18.33 3.61
CA ASP A 420 18.49 -19.48 2.73
C ASP A 420 19.90 -19.89 2.31
N ASP A 421 20.32 -21.08 2.75
CA ASP A 421 21.57 -21.68 2.31
C ASP A 421 21.35 -22.89 1.41
N ALA A 422 20.11 -23.12 0.97
CA ALA A 422 19.76 -24.34 0.25
C ALA A 422 20.22 -24.22 -1.20
N GLY A 423 21.19 -25.06 -1.57
CA GLY A 423 21.57 -25.19 -2.96
C GLY A 423 22.47 -24.08 -3.48
N ALA A 424 22.46 -23.94 -4.80
CA ALA A 424 23.33 -22.98 -5.47
C ALA A 424 22.88 -21.55 -5.22
N ILE A 425 23.84 -20.63 -5.34
CA ILE A 425 23.56 -19.22 -5.08
C ILE A 425 22.67 -18.64 -6.18
N GLY A 426 22.87 -19.05 -7.43
CA GLY A 426 22.07 -18.51 -8.51
C GLY A 426 20.59 -18.85 -8.36
N ARG A 427 20.30 -20.09 -7.96
CA ARG A 427 18.91 -20.47 -7.73
C ARG A 427 18.28 -19.61 -6.64
N ARG A 428 19.04 -19.32 -5.59
CA ARG A 428 18.52 -18.49 -4.51
C ARG A 428 18.31 -17.05 -4.97
N TYR A 429 19.19 -16.53 -5.81
CA TYR A 429 18.98 -15.20 -6.38
C TYR A 429 17.69 -15.17 -7.19
N ARG A 430 17.46 -16.20 -8.01
CA ARG A 430 16.21 -16.26 -8.77
C ARG A 430 15.00 -16.36 -7.85
N ARG A 431 15.11 -17.16 -6.77
CA ARG A 431 14.03 -17.25 -5.80
C ARG A 431 13.69 -15.88 -5.22
N GLN A 432 14.70 -15.14 -4.79
CA GLN A 432 14.45 -13.83 -4.20
C GLN A 432 13.91 -12.86 -5.24
N ASP A 433 14.39 -12.94 -6.48
CA ASP A 433 13.89 -12.04 -7.51
C ASP A 433 12.43 -12.31 -7.84
N GLU A 434 12.02 -13.58 -7.82
CA GLU A 434 10.64 -13.92 -8.16
C GLU A 434 9.63 -13.25 -7.23
N VAL A 435 10.04 -12.92 -6.00
CA VAL A 435 9.14 -12.33 -5.02
C VAL A 435 9.53 -10.90 -4.68
N GLY A 436 10.40 -10.28 -5.48
CA GLY A 436 10.65 -8.86 -5.34
C GLY A 436 11.53 -8.46 -4.18
N THR A 437 12.39 -9.34 -3.70
CA THR A 437 13.32 -8.95 -2.64
C THR A 437 14.28 -7.91 -3.20
N PRO A 438 14.36 -6.71 -2.61
CA PRO A 438 15.16 -5.64 -3.24
C PRO A 438 16.67 -5.84 -3.12
N TYR A 439 17.15 -6.57 -2.12
CA TYR A 439 18.59 -6.73 -1.95
C TYR A 439 18.91 -8.10 -1.38
N CYS A 440 20.01 -8.67 -1.86
CA CYS A 440 20.53 -9.94 -1.35
C CYS A 440 21.92 -9.71 -0.76
N VAL A 441 22.16 -10.24 0.43
CA VAL A 441 23.45 -10.13 1.09
C VAL A 441 24.09 -11.51 1.12
N THR A 442 25.22 -11.65 0.43
CA THR A 442 25.94 -12.91 0.32
C THR A 442 27.19 -12.86 1.19
N VAL A 443 27.38 -13.91 1.98
CA VAL A 443 28.55 -14.08 2.83
C VAL A 443 29.35 -15.24 2.27
N ASP A 444 30.64 -14.99 1.99
CA ASP A 444 31.53 -16.00 1.45
C ASP A 444 32.76 -16.10 2.34
N PHE A 445 33.62 -17.08 2.03
CA PHE A 445 34.81 -17.30 2.84
C PHE A 445 35.70 -16.08 2.88
N ASP A 446 35.73 -15.30 1.80
CA ASP A 446 36.50 -14.05 1.82
C ASP A 446 36.01 -13.11 2.92
N SER A 447 34.76 -13.25 3.36
CA SER A 447 34.25 -12.43 4.44
C SER A 447 34.87 -12.81 5.78
N LEU A 448 35.29 -14.07 5.93
CA LEU A 448 35.85 -14.52 7.20
C LEU A 448 37.14 -13.79 7.54
N GLU A 449 37.81 -13.19 6.56
CA GLU A 449 38.99 -12.37 6.78
C GLU A 449 38.79 -10.93 6.33
N ASP A 450 38.20 -10.71 5.15
CA ASP A 450 37.94 -9.35 4.70
C ASP A 450 36.84 -8.67 5.50
N ASN A 451 35.94 -9.46 6.09
CA ASN A 451 34.88 -8.93 6.94
C ASN A 451 33.94 -8.02 6.13
N ALA A 452 33.57 -8.48 4.94
CA ALA A 452 32.66 -7.77 4.06
C ALA A 452 31.61 -8.74 3.54
N VAL A 453 30.63 -8.19 2.81
CA VAL A 453 29.56 -9.00 2.24
C VAL A 453 29.16 -8.38 0.90
N THR A 454 28.64 -9.22 0.01
CA THR A 454 28.27 -8.80 -1.33
C THR A 454 26.78 -8.45 -1.35
N VAL A 455 26.45 -7.22 -1.70
CA VAL A 455 25.08 -6.75 -1.77
C VAL A 455 24.68 -6.69 -3.24
N ARG A 456 23.67 -7.48 -3.60
CA ARG A 456 23.16 -7.56 -4.97
C ARG A 456 21.81 -6.88 -5.03
N GLU A 457 21.68 -5.92 -5.94
CA GLU A 457 20.43 -5.21 -6.16
C GLU A 457 19.56 -5.99 -7.14
N ARG A 458 18.25 -5.99 -6.88
CA ARG A 458 17.34 -6.87 -7.59
C ARG A 458 17.34 -6.58 -9.09
N ASP A 459 16.88 -5.38 -9.47
CA ASP A 459 16.60 -5.11 -10.88
C ASP A 459 17.86 -5.16 -11.72
N SER A 460 18.89 -4.41 -11.31
CA SER A 460 20.11 -4.33 -12.11
C SER A 460 20.97 -5.57 -11.97
N MET A 461 20.89 -6.27 -10.85
CA MET A 461 21.76 -7.39 -10.48
C MET A 461 23.18 -6.92 -10.17
N ALA A 462 23.44 -5.61 -10.19
CA ALA A 462 24.76 -5.11 -9.86
C ALA A 462 25.11 -5.46 -8.42
N GLN A 463 26.33 -5.93 -8.22
CA GLN A 463 26.81 -6.35 -6.90
C GLN A 463 27.86 -5.37 -6.41
N GLU A 464 27.81 -5.09 -5.11
CA GLU A 464 28.77 -4.18 -4.46
C GLU A 464 29.17 -4.80 -3.13
N ARG A 465 30.47 -5.00 -2.93
CA ARG A 465 30.96 -5.59 -1.69
C ARG A 465 31.25 -4.48 -0.69
N ILE A 466 30.59 -4.55 0.48
CA ILE A 466 30.72 -3.51 1.49
C ILE A 466 30.96 -4.14 2.86
N SER A 467 31.53 -3.33 3.75
CA SER A 467 31.83 -3.79 5.10
C SER A 467 30.58 -4.28 5.80
N ILE A 468 30.69 -5.40 6.50
CA ILE A 468 29.56 -5.94 7.25
C ILE A 468 29.15 -5.01 8.38
N ASP A 469 30.01 -4.07 8.77
CA ASP A 469 29.68 -3.18 9.88
C ASP A 469 28.66 -2.12 9.46
N GLN A 470 28.62 -1.78 8.18
CA GLN A 470 27.77 -0.71 7.67
C GLN A 470 26.49 -1.22 7.02
N VAL A 471 26.35 -2.54 6.85
CA VAL A 471 25.28 -3.09 6.04
C VAL A 471 23.94 -2.49 6.43
N THR A 472 23.59 -2.55 7.72
CA THR A 472 22.32 -2.02 8.18
C THR A 472 22.05 -0.64 7.58
N ASP A 473 22.94 0.31 7.84
CA ASP A 473 22.74 1.66 7.30
C ASP A 473 22.64 1.63 5.79
N TYR A 474 23.56 0.92 5.13
CA TYR A 474 23.54 0.82 3.68
C TYR A 474 22.19 0.34 3.18
N LEU A 475 21.53 -0.54 3.93
CA LEU A 475 20.21 -1.01 3.52
C LEU A 475 19.13 -0.01 3.91
N ALA A 476 19.24 0.61 5.09
CA ALA A 476 18.21 1.53 5.54
C ALA A 476 17.99 2.63 4.50
N VAL A 477 19.07 3.30 4.11
CA VAL A 477 18.97 4.40 3.15
C VAL A 477 18.27 3.92 1.89
N ARG A 478 18.49 2.67 1.49
CA ARG A 478 17.92 2.15 0.25
C ARG A 478 16.54 1.54 0.42
N LEU A 479 16.15 1.18 1.65
CA LEU A 479 14.85 0.57 1.85
C LEU A 479 13.77 1.57 2.20
N LYS A 480 14.14 2.74 2.74
CA LYS A 480 13.17 3.77 3.08
C LYS A 480 12.24 3.27 4.18
N GLY A 481 11.12 3.96 4.39
CA GLY A 481 10.19 3.59 5.44
C GLY A 481 10.81 3.63 6.82
#